data_6H3V
#
_entry.id   6H3V
#
_cell.length_a   125.440
_cell.length_b   125.440
_cell.length_c   46.550
_cell.angle_alpha   90.000
_cell.angle_beta   90.000
_cell.angle_gamma   120.000
#
_symmetry.space_group_name_H-M   'P 3 2 1'
#
loop_
_entity.id
_entity.type
_entity.pdbx_description
1 polymer 'Envelopment polyprotein'
2 branched 2-acetamido-2-deoxy-beta-D-glucopyranose-(1-4)-[alpha-L-fucopyranose-(1-6)]2-acetamido-2-deoxy-beta-D-glucopyranose
3 non-polymer 'CHLORIDE ION'
#
_entity_poly.entity_id   1
_entity_poly.type   'polypeptide(L)'
_entity_poly.pdbx_seq_one_letter_code
;EEDCWKNEELKEDCVGPLIAPKDCTDKDHKTYLSEASLLATAKKITQVDAENVEILGKTMESAIRVIERQKTYHRMHLLE
AVFLNKHCDYYKMFEHNSGYSQVKWRMMIKTQHFDICALQANSPFCAQCIADNSCAQGSWEFDTHMNSTYSSKVDNFKHD
FSLFLRIFEAAFPGTAYVHLLTNIKEKKPYQAVSMIEKIKKKFPNNKLLIGYLDFGKYLLGLSHASTYELQQRQLDKLYQ
PTELGGWSHPQFEK
;
_entity_poly.pdbx_strand_id   A
#
# COMPACT_ATOMS: atom_id res chain seq x y z
N GLU A 1 11.32 -4.02 -17.46
CA GLU A 1 11.25 -4.98 -16.36
C GLU A 1 12.18 -4.59 -15.22
N GLU A 2 12.33 -5.46 -14.23
CA GLU A 2 13.09 -5.13 -13.03
C GLU A 2 13.69 -6.39 -12.43
N ASP A 3 14.91 -6.28 -11.94
CA ASP A 3 15.49 -7.35 -11.12
C ASP A 3 15.42 -6.93 -9.66
N CYS A 4 14.46 -7.47 -8.93
CA CYS A 4 14.24 -7.01 -7.57
C CYS A 4 15.33 -7.48 -6.64
N TRP A 5 16.05 -8.54 -7.01
CA TRP A 5 17.13 -9.06 -6.20
C TRP A 5 18.42 -8.25 -6.37
N LYS A 6 18.83 -7.94 -7.61
CA LYS A 6 20.03 -7.14 -7.78
C LYS A 6 19.85 -5.70 -7.30
N ASN A 7 18.64 -5.16 -7.44
CA ASN A 7 18.39 -3.79 -7.00
C ASN A 7 18.79 -3.63 -5.55
N GLU A 8 19.60 -2.62 -5.26
CA GLU A 8 19.84 -2.24 -3.88
C GLU A 8 18.95 -1.09 -3.44
N GLU A 9 18.16 -0.53 -4.36
CA GLU A 9 17.20 0.52 -4.06
C GLU A 9 15.79 -0.02 -4.23
N LEU A 10 14.86 0.54 -3.47
CA LEU A 10 13.47 0.20 -3.72
C LEU A 10 13.01 0.86 -5.00
N LYS A 11 12.49 0.08 -5.93
CA LYS A 11 11.85 0.64 -7.11
C LYS A 11 10.37 0.25 -7.07
N GLU A 12 9.54 1.00 -7.80
CA GLU A 12 8.11 0.79 -7.64
C GLU A 12 7.66 -0.56 -8.20
N ASP A 13 8.29 -1.01 -9.28
CA ASP A 13 8.00 -2.33 -9.82
C ASP A 13 8.28 -3.45 -8.82
N CYS A 14 8.99 -3.16 -7.72
CA CYS A 14 9.33 -4.18 -6.72
C CYS A 14 8.49 -4.10 -5.43
N VAL A 15 7.48 -3.25 -5.33
CA VAL A 15 6.68 -3.20 -4.10
C VAL A 15 5.75 -4.41 -4.02
N GLY A 16 5.38 -4.76 -2.79
CA GLY A 16 4.69 -5.99 -2.48
C GLY A 16 3.51 -6.39 -3.35
N PRO A 17 2.55 -5.48 -3.58
CA PRO A 17 1.37 -5.88 -4.37
C PRO A 17 1.69 -6.11 -5.82
N LEU A 18 2.76 -5.48 -6.34
CA LEU A 18 3.19 -5.76 -7.71
C LEU A 18 4.02 -7.03 -7.82
N ILE A 19 4.76 -7.42 -6.76
CA ILE A 19 5.63 -8.61 -6.83
C ILE A 19 5.02 -9.90 -6.30
N ALA A 20 3.86 -9.85 -5.66
CA ALA A 20 3.22 -11.08 -5.20
C ALA A 20 2.96 -12.01 -6.39
N PRO A 21 2.96 -13.34 -6.16
CA PRO A 21 2.48 -14.26 -7.21
C PRO A 21 1.03 -13.95 -7.52
N LYS A 22 0.60 -14.29 -8.73
CA LYS A 22 -0.80 -13.96 -9.03
C LYS A 22 -1.75 -14.96 -8.40
N ASP A 23 -1.34 -16.23 -8.32
CA ASP A 23 -2.15 -17.22 -7.64
C ASP A 23 -1.24 -18.32 -7.10
N CYS A 24 -1.90 -19.32 -6.50
CA CYS A 24 -1.31 -20.19 -5.52
C CYS A 24 -1.64 -21.64 -5.91
N THR A 25 -1.12 -22.59 -5.12
CA THR A 25 -1.43 -24.01 -5.32
C THR A 25 -1.86 -24.68 -4.02
N ASP A 26 -0.95 -24.90 -3.06
CA ASP A 26 -1.33 -25.42 -1.74
C ASP A 26 -0.74 -24.55 -0.65
N LYS A 27 -1.57 -23.70 -0.04
CA LYS A 27 -1.07 -22.75 0.95
C LYS A 27 -0.91 -23.39 2.31
N ASP A 28 -1.74 -24.41 2.62
CA ASP A 28 -1.76 -24.99 3.96
C ASP A 28 -0.48 -25.75 4.27
N HIS A 29 0.20 -26.24 3.24
CA HIS A 29 1.37 -27.09 3.42
C HIS A 29 2.63 -26.29 3.65
N LYS A 30 2.72 -25.11 3.04
CA LYS A 30 3.91 -24.29 3.11
C LYS A 30 4.02 -23.52 4.42
N THR A 31 5.26 -23.28 4.83
CA THR A 31 5.62 -22.40 5.93
C THR A 31 6.65 -21.41 5.41
N TYR A 32 6.92 -20.38 6.21
CA TYR A 32 7.95 -19.41 5.84
C TYR A 32 9.28 -20.09 5.51
N LEU A 33 9.70 -21.04 6.34
CA LEU A 33 11.03 -21.61 6.16
C LEU A 33 11.11 -22.48 4.90
N SER A 34 10.01 -23.15 4.52
CA SER A 34 10.02 -23.98 3.32
C SER A 34 10.18 -23.12 2.07
N GLU A 35 9.36 -22.07 1.96
CA GLU A 35 9.45 -21.15 0.82
C GLU A 35 10.78 -20.41 0.79
N ALA A 36 11.38 -20.18 1.96
CA ALA A 36 12.72 -19.59 1.97
C ALA A 36 13.77 -20.58 1.47
N SER A 37 13.67 -21.84 1.89
CA SER A 37 14.49 -22.90 1.30
C SER A 37 14.38 -22.92 -0.22
N LEU A 38 13.18 -22.67 -0.74
CA LEU A 38 13.02 -22.64 -2.19
C LEU A 38 13.72 -21.42 -2.81
N LEU A 39 13.63 -20.25 -2.16
CA LEU A 39 14.36 -19.10 -2.70
C LEU A 39 15.86 -19.33 -2.68
N ALA A 40 16.35 -20.08 -1.68
CA ALA A 40 17.77 -20.39 -1.62
C ALA A 40 18.20 -21.30 -2.75
N THR A 41 17.41 -22.35 -3.03
CA THR A 41 17.76 -23.23 -4.14
C THR A 41 17.71 -22.49 -5.48
N ALA A 42 16.92 -21.42 -5.56
CA ALA A 42 16.85 -20.57 -6.73
C ALA A 42 18.05 -19.64 -6.88
N LYS A 43 18.96 -19.62 -5.90
CA LYS A 43 20.11 -18.73 -5.85
C LYS A 43 19.71 -17.26 -5.71
N LYS A 44 18.51 -16.99 -5.19
CA LYS A 44 18.08 -15.63 -4.88
C LYS A 44 18.54 -15.16 -3.51
N ILE A 45 18.50 -16.06 -2.51
CA ILE A 45 18.93 -15.79 -1.12
C ILE A 45 19.97 -16.83 -0.71
N THR A 46 20.78 -16.50 0.31
CA THR A 46 21.71 -17.52 0.84
C THR A 46 21.03 -18.45 1.84
N GLN A 47 21.62 -19.64 1.96
CA GLN A 47 21.17 -20.62 2.96
C GLN A 47 21.16 -20.02 4.36
N VAL A 48 22.13 -19.15 4.66
CA VAL A 48 22.12 -18.40 5.91
C VAL A 48 20.82 -17.63 6.08
N ASP A 49 20.46 -16.81 5.08
CA ASP A 49 19.22 -16.03 5.16
C ASP A 49 18.00 -16.94 5.35
N ALA A 50 17.93 -18.00 4.55
CA ALA A 50 16.80 -18.91 4.63
C ALA A 50 16.67 -19.51 6.01
N GLU A 51 17.79 -19.86 6.65
CA GLU A 51 17.68 -20.29 8.04
C GLU A 51 17.47 -19.13 9.01
N ASN A 52 17.54 -17.89 8.54
CA ASN A 52 17.33 -16.74 9.42
C ASN A 52 15.91 -16.20 9.36
N VAL A 53 15.02 -16.77 8.53
CA VAL A 53 13.65 -16.25 8.44
C VAL A 53 12.73 -16.74 9.56
N GLU A 54 13.23 -17.49 10.52
CA GLU A 54 12.46 -17.66 11.76
C GLU A 54 12.18 -16.32 12.42
N ILE A 55 12.89 -15.25 12.02
CA ILE A 55 12.67 -13.90 12.55
C ILE A 55 11.22 -13.48 12.36
N LEU A 56 10.56 -13.97 11.30
CA LEU A 56 9.11 -13.89 11.24
C LEU A 56 8.51 -14.85 12.25
N GLY A 57 7.62 -14.35 13.10
CA GLY A 57 6.95 -15.20 14.07
C GLY A 57 6.11 -16.25 13.37
N LYS A 58 5.51 -17.16 14.13
CA LYS A 58 4.66 -18.17 13.48
C LYS A 58 3.41 -17.53 12.91
N THR A 59 2.84 -16.55 13.62
CA THR A 59 1.63 -15.86 13.20
C THR A 59 1.89 -14.85 12.08
N MET A 60 0.81 -14.42 11.43
CA MET A 60 0.88 -13.50 10.30
C MET A 60 1.02 -12.03 10.74
N GLU A 61 0.26 -11.61 11.76
CA GLU A 61 0.40 -10.24 12.24
C GLU A 61 1.82 -9.98 12.68
N SER A 62 2.48 -10.99 13.28
CA SER A 62 3.85 -10.83 13.73
C SER A 62 4.80 -10.71 12.54
N ALA A 63 4.72 -11.65 11.59
CA ALA A 63 5.52 -11.52 10.37
C ALA A 63 5.44 -10.11 9.80
N ILE A 64 4.22 -9.56 9.73
CA ILE A 64 4.07 -8.20 9.20
C ILE A 64 4.74 -7.17 10.11
N ARG A 65 4.67 -7.35 11.43
CA ARG A 65 5.33 -6.39 12.30
C ARG A 65 6.84 -6.39 12.07
N VAL A 66 7.41 -7.58 11.87
CA VAL A 66 8.84 -7.68 11.59
C VAL A 66 9.18 -7.03 10.25
N ILE A 67 8.42 -7.36 9.21
CA ILE A 67 8.66 -6.79 7.89
C ILE A 67 8.67 -5.28 7.97
N GLU A 68 7.67 -4.71 8.66
CA GLU A 68 7.63 -3.27 8.80
C GLU A 68 8.84 -2.74 9.57
N ARG A 69 9.42 -3.53 10.48
CA ARG A 69 10.55 -3.03 11.26
C ARG A 69 11.81 -2.81 10.42
N GLN A 70 11.99 -3.52 9.31
CA GLN A 70 13.25 -3.53 8.57
C GLN A 70 13.70 -2.13 8.13
N LYS A 71 15.01 -1.91 8.23
CA LYS A 71 15.61 -0.63 7.91
C LYS A 71 16.31 -0.57 6.55
N THR A 72 16.24 -1.63 5.72
CA THR A 72 16.85 -1.61 4.40
C THR A 72 15.91 -2.22 3.37
N TYR A 73 16.14 -1.88 2.09
CA TYR A 73 15.32 -2.51 1.04
C TYR A 73 15.69 -3.99 0.86
N HIS A 74 16.97 -4.34 0.95
CA HIS A 74 17.34 -5.74 0.78
C HIS A 74 16.61 -6.62 1.79
N ARG A 75 16.64 -6.24 3.07
CA ARG A 75 16.01 -7.06 4.09
C ARG A 75 14.48 -7.05 3.96
N MET A 76 13.89 -5.85 3.83
CA MET A 76 12.44 -5.78 3.71
C MET A 76 11.95 -6.57 2.51
N HIS A 77 12.65 -6.48 1.37
CA HIS A 77 12.22 -7.23 0.20
C HIS A 77 12.35 -8.73 0.42
N LEU A 78 13.47 -9.18 1.00
CA LEU A 78 13.62 -10.62 1.28
C LEU A 78 12.47 -11.13 2.14
N LEU A 79 12.17 -10.45 3.25
CA LEU A 79 11.09 -10.91 4.13
C LEU A 79 9.73 -10.86 3.43
N GLU A 80 9.46 -9.80 2.66
CA GLU A 80 8.21 -9.74 1.91
C GLU A 80 8.11 -10.91 0.93
N ALA A 81 9.22 -11.25 0.27
CA ALA A 81 9.19 -12.31 -0.74
C ALA A 81 8.91 -13.68 -0.12
N VAL A 82 9.55 -13.97 1.01
CA VAL A 82 9.20 -15.19 1.75
C VAL A 82 7.73 -15.13 2.19
N PHE A 83 7.34 -14.01 2.80
CA PHE A 83 5.99 -13.87 3.33
C PHE A 83 4.93 -14.13 2.27
N LEU A 84 5.01 -13.38 1.17
CA LEU A 84 4.03 -13.53 0.10
C LEU A 84 4.16 -14.85 -0.65
N ASN A 85 5.30 -15.53 -0.55
CA ASN A 85 5.33 -16.88 -1.11
C ASN A 85 4.61 -17.88 -0.22
N LYS A 86 4.59 -17.66 1.11
CA LYS A 86 3.78 -18.52 1.96
C LYS A 86 2.31 -18.17 1.86
N HIS A 87 1.99 -16.87 1.95
CA HIS A 87 0.61 -16.46 1.76
C HIS A 87 0.56 -15.95 0.32
N CYS A 88 0.21 -16.86 -0.58
CA CYS A 88 0.31 -16.63 -2.02
C CYS A 88 -0.98 -16.07 -2.57
N ASP A 89 -2.04 -16.17 -1.79
CA ASP A 89 -3.31 -15.54 -2.08
C ASP A 89 -3.46 -14.20 -1.38
N TYR A 90 -2.43 -13.75 -0.64
CA TYR A 90 -2.54 -12.50 0.12
C TYR A 90 -3.02 -11.33 -0.76
N TYR A 91 -2.23 -10.95 -1.76
CA TYR A 91 -2.72 -9.90 -2.64
C TYR A 91 -3.66 -10.42 -3.72
N LYS A 92 -3.70 -11.72 -3.96
CA LYS A 92 -4.77 -12.26 -4.80
C LYS A 92 -6.15 -11.80 -4.31
N MET A 93 -6.37 -11.77 -2.99
CA MET A 93 -7.67 -11.36 -2.44
C MET A 93 -8.04 -9.94 -2.83
N PHE A 94 -7.05 -9.06 -3.02
CA PHE A 94 -7.32 -7.70 -3.48
C PHE A 94 -7.91 -7.65 -4.89
N GLU A 95 -7.86 -8.75 -5.64
CA GLU A 95 -8.58 -8.87 -6.89
C GLU A 95 -10.08 -8.84 -6.69
N HIS A 96 -10.55 -9.08 -5.47
CA HIS A 96 -11.97 -9.15 -5.11
C HIS A 96 -12.29 -8.09 -4.06
N ASN A 97 -13.55 -8.08 -3.61
CA ASN A 97 -14.02 -7.05 -2.66
C ASN A 97 -14.04 -7.50 -1.21
N SER A 98 -13.70 -8.74 -0.92
CA SER A 98 -13.57 -9.18 0.45
C SER A 98 -12.20 -9.79 0.61
N GLY A 99 -11.86 -10.18 1.82
CA GLY A 99 -10.74 -11.09 2.04
C GLY A 99 -10.06 -10.79 3.35
N TYR A 100 -9.26 -11.75 3.83
CA TYR A 100 -8.63 -11.54 5.13
C TYR A 100 -7.62 -10.40 5.05
N SER A 101 -6.78 -10.40 4.01
CA SER A 101 -5.80 -9.33 3.87
C SER A 101 -6.44 -7.95 3.69
N GLN A 102 -7.74 -7.87 3.44
CA GLN A 102 -8.38 -6.57 3.28
C GLN A 102 -9.02 -6.05 4.55
N VAL A 103 -9.18 -6.89 5.60
CA VAL A 103 -10.02 -6.52 6.74
C VAL A 103 -9.62 -5.17 7.33
N LYS A 104 -8.32 -4.97 7.56
CA LYS A 104 -7.86 -3.75 8.21
C LYS A 104 -8.25 -2.49 7.43
N TRP A 105 -7.98 -2.47 6.11
CA TRP A 105 -8.17 -1.18 5.41
C TRP A 105 -9.65 -0.88 5.12
N ARG A 106 -10.44 -1.90 4.74
CA ARG A 106 -11.86 -1.67 4.51
C ARG A 106 -12.52 -1.14 5.79
N MET A 107 -12.27 -1.80 6.92
CA MET A 107 -12.77 -1.32 8.20
C MET A 107 -12.40 0.13 8.40
N MET A 108 -11.11 0.44 8.21
CA MET A 108 -10.67 1.81 8.37
C MET A 108 -11.40 2.74 7.40
N ILE A 109 -11.45 2.37 6.10
CA ILE A 109 -12.08 3.31 5.16
C ILE A 109 -13.57 3.50 5.44
N LYS A 110 -14.27 2.53 6.06
CA LYS A 110 -15.70 2.73 6.22
C LYS A 110 -16.04 3.38 7.55
N THR A 111 -15.03 3.60 8.39
CA THR A 111 -15.19 4.07 9.76
C THR A 111 -14.59 5.46 9.95
N GLN A 112 -13.30 5.61 9.70
CA GLN A 112 -12.65 6.91 9.61
C GLN A 112 -13.00 7.61 8.31
N HIS A 113 -13.52 8.83 8.42
CA HIS A 113 -14.05 9.56 7.29
C HIS A 113 -13.21 10.79 6.98
N PHE A 114 -13.23 11.19 5.72
CA PHE A 114 -12.51 12.36 5.28
C PHE A 114 -13.28 13.63 5.61
N ASP A 115 -12.51 14.72 5.81
CA ASP A 115 -13.14 16.02 6.09
C ASP A 115 -13.80 16.59 4.85
N ILE A 116 -13.28 16.28 3.67
CA ILE A 116 -13.85 16.85 2.46
C ILE A 116 -15.26 16.33 2.25
N CYS A 117 -15.48 15.04 2.52
CA CYS A 117 -16.80 14.42 2.40
C CYS A 117 -17.81 15.02 3.35
N ALA A 118 -17.34 15.61 4.45
CA ALA A 118 -18.21 16.33 5.35
C ALA A 118 -18.49 17.74 4.86
N LEU A 119 -17.47 18.41 4.34
CA LEU A 119 -17.62 19.82 3.98
C LEU A 119 -18.59 20.00 2.82
N GLN A 120 -18.32 19.35 1.68
CA GLN A 120 -19.28 19.27 0.60
C GLN A 120 -19.41 17.81 0.15
N ALA A 121 -20.56 17.19 0.43
CA ALA A 121 -20.78 15.78 0.17
C ALA A 121 -21.36 15.51 -1.22
N ASN A 122 -21.50 16.56 -2.05
CA ASN A 122 -22.08 16.40 -3.37
C ASN A 122 -21.15 15.63 -4.32
N SER A 123 -19.84 15.66 -4.08
CA SER A 123 -18.89 15.09 -5.04
C SER A 123 -19.07 13.58 -5.15
N PRO A 124 -19.02 13.03 -6.36
CA PRO A 124 -19.39 11.62 -6.54
C PRO A 124 -18.59 10.64 -5.71
N PHE A 125 -17.33 10.94 -5.40
CA PHE A 125 -16.58 10.05 -4.50
C PHE A 125 -17.32 9.89 -3.18
N CYS A 126 -17.53 11.00 -2.46
CA CYS A 126 -18.21 10.94 -1.16
C CYS A 126 -19.60 10.31 -1.28
N ALA A 127 -20.47 10.89 -2.11
CA ALA A 127 -21.88 10.53 -2.08
C ALA A 127 -22.17 9.22 -2.80
N GLN A 128 -21.26 8.72 -3.63
CA GLN A 128 -21.47 7.49 -4.38
C GLN A 128 -20.52 6.38 -3.92
N CYS A 129 -19.21 6.61 -3.93
CA CYS A 129 -18.25 5.54 -3.62
C CYS A 129 -18.10 5.25 -2.11
N ILE A 130 -17.83 6.26 -1.28
CA ILE A 130 -17.54 6.00 0.14
C ILE A 130 -18.80 5.53 0.86
N ALA A 131 -19.91 6.19 0.61
CA ALA A 131 -21.20 5.79 1.16
C ALA A 131 -21.76 4.54 0.48
N ASP A 132 -22.20 4.70 -0.78
CA ASP A 132 -22.98 3.67 -1.45
C ASP A 132 -22.15 2.45 -1.85
N ASN A 133 -20.83 2.57 -1.87
CA ASN A 133 -19.87 1.49 -2.14
C ASN A 133 -19.91 1.01 -3.59
N SER A 134 -20.77 1.60 -4.43
CA SER A 134 -20.84 1.28 -5.86
C SER A 134 -19.49 1.35 -6.55
N CYS A 135 -18.99 2.58 -6.78
CA CYS A 135 -17.68 2.88 -7.35
C CYS A 135 -17.46 2.28 -8.74
N ALA A 136 -18.52 1.92 -9.47
CA ALA A 136 -18.35 1.43 -10.83
C ALA A 136 -18.05 2.55 -11.80
N GLN A 137 -18.34 3.79 -11.40
CA GLN A 137 -18.04 4.96 -12.21
C GLN A 137 -16.54 5.11 -12.44
N GLY A 138 -16.17 5.37 -13.70
CA GLY A 138 -14.83 5.86 -13.97
C GLY A 138 -14.71 7.36 -13.81
N SER A 139 -15.83 8.08 -13.89
CA SER A 139 -15.83 9.53 -13.85
C SER A 139 -16.10 10.02 -12.43
N TRP A 140 -15.08 10.57 -11.78
CA TRP A 140 -15.24 11.42 -10.60
C TRP A 140 -14.95 12.85 -11.03
N GLU A 141 -15.74 13.79 -10.54
CA GLU A 141 -15.33 15.18 -10.64
C GLU A 141 -14.64 15.47 -9.32
N PHE A 142 -13.31 15.45 -9.32
CA PHE A 142 -12.51 15.81 -8.16
C PHE A 142 -12.22 17.31 -8.10
N ASP A 143 -11.85 17.88 -9.24
CA ASP A 143 -11.37 19.27 -9.29
C ASP A 143 -12.49 20.25 -9.00
N THR A 144 -13.59 20.14 -9.76
CA THR A 144 -14.71 21.07 -9.62
C THR A 144 -15.18 21.15 -8.17
N HIS A 145 -15.27 20.00 -7.50
CA HIS A 145 -15.77 19.98 -6.13
C HIS A 145 -14.72 20.37 -5.09
N MET A 146 -13.54 19.73 -5.13
CA MET A 146 -12.65 19.86 -3.99
C MET A 146 -11.55 20.92 -4.12
N ASN A 147 -11.28 21.45 -5.33
CA ASN A 147 -10.08 22.28 -5.49
C ASN A 147 -10.13 23.51 -4.58
N SER A 148 -11.18 24.34 -4.71
CA SER A 148 -11.19 25.56 -3.90
C SER A 148 -11.28 25.25 -2.41
N THR A 149 -11.92 24.13 -2.06
CA THR A 149 -12.14 23.81 -0.65
C THR A 149 -10.83 23.46 0.06
N TYR A 150 -9.99 22.63 -0.57
CA TYR A 150 -8.68 22.38 0.02
C TYR A 150 -7.78 23.63 -0.06
N SER A 151 -7.88 24.37 -1.17
CA SER A 151 -7.14 25.64 -1.28
C SER A 151 -7.35 26.50 -0.04
N SER A 152 -8.61 26.70 0.34
CA SER A 152 -8.90 27.61 1.45
C SER A 152 -8.48 27.04 2.80
N LYS A 153 -8.92 25.81 3.13
CA LYS A 153 -8.74 25.25 4.47
C LYS A 153 -7.62 24.21 4.44
N VAL A 154 -6.47 24.58 4.97
CA VAL A 154 -5.27 23.77 4.81
C VAL A 154 -5.26 22.61 5.80
N ASP A 155 -5.81 22.81 7.01
CA ASP A 155 -5.80 21.76 8.02
C ASP A 155 -6.68 20.56 7.66
N ASN A 156 -7.67 20.77 6.78
CA ASN A 156 -8.45 19.63 6.28
C ASN A 156 -7.74 18.90 5.16
N PHE A 157 -6.87 19.58 4.42
CA PHE A 157 -5.94 18.82 3.60
C PHE A 157 -5.00 18.02 4.50
N LYS A 158 -4.46 18.64 5.56
CA LYS A 158 -3.59 17.90 6.47
C LYS A 158 -4.29 16.65 7.00
N HIS A 159 -5.54 16.79 7.43
CA HIS A 159 -6.25 15.66 8.02
C HIS A 159 -6.55 14.61 6.97
N ASP A 160 -7.03 15.04 5.81
CA ASP A 160 -7.41 14.04 4.83
C ASP A 160 -6.19 13.37 4.25
N PHE A 161 -5.07 14.07 4.21
CA PHE A 161 -3.86 13.49 3.66
C PHE A 161 -3.29 12.45 4.62
N SER A 162 -3.21 12.80 5.90
CA SER A 162 -2.73 11.81 6.85
C SER A 162 -3.70 10.62 6.91
N LEU A 163 -5.00 10.87 6.76
CA LEU A 163 -5.94 9.75 6.75
C LEU A 163 -5.65 8.82 5.58
N PHE A 164 -5.44 9.41 4.41
CA PHE A 164 -5.11 8.62 3.24
C PHE A 164 -3.87 7.76 3.48
N LEU A 165 -2.86 8.32 4.16
CA LEU A 165 -1.70 7.51 4.49
C LEU A 165 -2.06 6.38 5.49
N ARG A 166 -2.76 6.69 6.59
CA ARG A 166 -3.10 5.61 7.53
C ARG A 166 -3.76 4.45 6.78
N ILE A 167 -4.64 4.77 5.83
CA ILE A 167 -5.33 3.73 5.10
C ILE A 167 -4.37 2.98 4.21
N PHE A 168 -3.50 3.71 3.54
CA PHE A 168 -2.57 3.04 2.63
C PHE A 168 -1.68 2.07 3.39
N GLU A 169 -1.24 2.44 4.61
CA GLU A 169 -0.39 1.49 5.31
C GLU A 169 -1.21 0.30 5.79
N ALA A 170 -2.51 0.48 6.09
CA ALA A 170 -3.32 -0.68 6.42
C ALA A 170 -3.52 -1.62 5.23
N ALA A 171 -3.55 -1.07 4.01
CA ALA A 171 -3.76 -1.92 2.83
C ALA A 171 -2.49 -2.61 2.39
N PHE A 172 -1.38 -1.86 2.31
CA PHE A 172 -0.13 -2.35 1.73
C PHE A 172 1.08 -2.09 2.65
N PRO A 173 1.11 -2.69 3.84
CA PRO A 173 2.27 -2.48 4.74
C PRO A 173 3.55 -3.00 4.09
N GLY A 174 4.67 -2.39 4.46
CA GLY A 174 5.91 -2.73 3.79
C GLY A 174 6.37 -1.83 2.66
N THR A 175 7.04 -2.44 1.68
CA THR A 175 7.71 -1.66 0.65
C THR A 175 6.80 -0.61 0.00
N ALA A 176 5.53 -0.94 -0.27
CA ALA A 176 4.69 0.02 -1.02
C ALA A 176 4.48 1.29 -0.21
N TYR A 177 4.14 1.14 1.06
CA TYR A 177 4.03 2.30 1.94
C TYR A 177 5.37 3.03 2.09
N VAL A 178 6.48 2.30 2.21
CA VAL A 178 7.78 2.97 2.33
C VAL A 178 8.10 3.79 1.09
N HIS A 179 7.86 3.22 -0.10
CA HIS A 179 8.03 3.96 -1.35
C HIS A 179 7.21 5.23 -1.36
N LEU A 180 5.94 5.15 -0.93
CA LEU A 180 5.06 6.32 -0.92
C LEU A 180 5.59 7.39 0.04
N LEU A 181 5.79 7.01 1.30
CA LEU A 181 6.35 7.93 2.28
C LEU A 181 7.61 8.59 1.75
N THR A 182 8.49 7.80 1.14
CA THR A 182 9.76 8.33 0.70
C THR A 182 9.55 9.40 -0.38
N ASN A 183 8.72 9.10 -1.39
CA ASN A 183 8.47 10.15 -2.37
C ASN A 183 7.87 11.40 -1.72
N ILE A 184 7.17 11.25 -0.58
CA ILE A 184 6.60 12.43 0.09
C ILE A 184 7.67 13.23 0.83
N LYS A 185 8.54 12.56 1.59
CA LYS A 185 9.59 13.27 2.31
C LYS A 185 10.45 14.09 1.37
N GLU A 186 10.83 13.50 0.23
CA GLU A 186 11.63 14.16 -0.79
C GLU A 186 10.92 15.34 -1.44
N LYS A 187 9.66 15.62 -1.09
CA LYS A 187 8.88 16.73 -1.68
C LYS A 187 8.62 16.48 -3.17
N LYS A 188 8.44 15.22 -3.53
CA LYS A 188 8.03 14.81 -4.87
C LYS A 188 6.84 13.86 -4.71
N PRO A 189 5.69 14.38 -4.31
CA PRO A 189 4.54 13.47 -4.12
C PRO A 189 4.11 12.77 -5.40
N TYR A 190 4.09 13.47 -6.53
CA TYR A 190 3.44 12.87 -7.69
C TYR A 190 4.19 11.65 -8.23
N GLN A 191 5.47 11.46 -7.89
CA GLN A 191 6.21 10.27 -8.31
C GLN A 191 5.69 8.99 -7.65
N ALA A 192 4.84 9.10 -6.62
CA ALA A 192 4.19 7.91 -6.11
C ALA A 192 3.05 7.48 -7.00
N VAL A 193 2.53 8.41 -7.78
CA VAL A 193 1.32 8.17 -8.55
C VAL A 193 1.53 7.02 -9.52
N SER A 194 2.70 6.97 -10.16
CA SER A 194 3.03 5.85 -11.05
C SER A 194 2.77 4.50 -10.38
N MET A 195 3.27 4.33 -9.15
CA MET A 195 3.02 3.08 -8.43
C MET A 195 1.52 2.86 -8.26
N ILE A 196 0.84 3.87 -7.75
CA ILE A 196 -0.60 3.78 -7.55
C ILE A 196 -1.28 3.32 -8.83
N GLU A 197 -0.87 3.88 -9.97
CA GLU A 197 -1.54 3.49 -11.21
C GLU A 197 -1.31 2.02 -11.51
N LYS A 198 -0.08 1.54 -11.30
CA LYS A 198 0.20 0.12 -11.50
C LYS A 198 -0.63 -0.74 -10.55
N ILE A 199 -0.81 -0.26 -9.31
CA ILE A 199 -1.67 -0.98 -8.37
C ILE A 199 -3.08 -1.08 -8.91
N LYS A 200 -3.62 0.05 -9.41
CA LYS A 200 -4.98 0.03 -9.95
C LYS A 200 -5.10 -1.05 -11.02
N LYS A 201 -4.04 -1.22 -11.83
CA LYS A 201 -4.11 -2.14 -12.97
C LYS A 201 -4.21 -3.59 -12.50
N LYS A 202 -3.72 -3.90 -11.29
CA LYS A 202 -3.73 -5.28 -10.81
C LYS A 202 -5.08 -5.71 -10.26
N PHE A 203 -5.86 -4.80 -9.67
CA PHE A 203 -7.13 -5.16 -9.02
C PHE A 203 -8.30 -4.41 -9.64
N PRO A 204 -8.58 -4.66 -10.93
CA PRO A 204 -9.63 -3.90 -11.60
C PRO A 204 -10.98 -3.97 -10.92
N ASN A 205 -11.30 -5.10 -10.27
CA ASN A 205 -12.63 -5.31 -9.73
C ASN A 205 -12.82 -4.76 -8.31
N ASN A 206 -11.76 -4.28 -7.67
CA ASN A 206 -11.93 -3.92 -6.29
C ASN A 206 -12.36 -2.46 -6.33
N LYS A 207 -13.66 -2.24 -6.34
CA LYS A 207 -14.10 -0.90 -6.75
C LYS A 207 -13.84 0.11 -5.66
N LEU A 208 -14.15 -0.25 -4.40
CA LEU A 208 -13.73 0.59 -3.27
C LEU A 208 -12.26 0.94 -3.38
N LEU A 209 -11.42 -0.05 -3.66
CA LEU A 209 -9.98 0.20 -3.69
C LEU A 209 -9.65 1.22 -4.76
N ILE A 210 -10.14 0.98 -5.99
CA ILE A 210 -9.88 1.89 -7.10
C ILE A 210 -10.35 3.30 -6.77
N GLY A 211 -11.51 3.43 -6.15
CA GLY A 211 -11.98 4.76 -5.81
C GLY A 211 -11.04 5.46 -4.85
N TYR A 212 -10.74 4.80 -3.74
CA TYR A 212 -9.82 5.38 -2.76
C TYR A 212 -8.50 5.76 -3.40
N LEU A 213 -7.94 4.87 -4.23
CA LEU A 213 -6.69 5.14 -4.91
C LEU A 213 -6.79 6.37 -5.82
N ASP A 214 -7.85 6.48 -6.62
CA ASP A 214 -8.03 7.69 -7.42
C ASP A 214 -8.07 8.94 -6.54
N PHE A 215 -8.73 8.86 -5.39
CA PHE A 215 -8.71 10.00 -4.48
C PHE A 215 -7.29 10.34 -4.05
N GLY A 216 -6.49 9.34 -3.69
CA GLY A 216 -5.11 9.62 -3.32
C GLY A 216 -4.27 10.22 -4.46
N LYS A 217 -4.41 9.66 -5.67
CA LYS A 217 -3.82 10.29 -6.86
C LYS A 217 -4.20 11.76 -6.94
N TYR A 218 -5.46 12.09 -6.63
CA TYR A 218 -5.87 13.49 -6.55
C TYR A 218 -5.10 14.26 -5.49
N LEU A 219 -5.16 13.81 -4.24
CA LEU A 219 -4.50 14.56 -3.16
C LEU A 219 -3.03 14.79 -3.47
N LEU A 220 -2.35 13.80 -4.06
CA LEU A 220 -0.94 13.94 -4.39
C LEU A 220 -0.68 15.02 -5.44
N GLY A 221 -1.67 15.41 -6.22
CA GLY A 221 -1.46 16.45 -7.22
C GLY A 221 -1.50 17.82 -6.63
N LEU A 222 -2.19 17.99 -5.51
CA LEU A 222 -2.36 19.31 -4.91
C LEU A 222 -1.01 19.84 -4.44
N SER A 223 -0.80 21.13 -4.67
CA SER A 223 0.38 21.79 -4.16
C SER A 223 0.60 21.47 -2.70
N HIS A 224 -0.48 21.46 -1.92
CA HIS A 224 -0.39 21.19 -0.48
C HIS A 224 0.29 19.87 -0.18
N ALA A 225 0.34 18.94 -1.13
CA ALA A 225 1.05 17.69 -0.84
C ALA A 225 2.55 17.92 -0.74
N SER A 226 3.09 18.83 -1.55
CA SER A 226 4.52 19.07 -1.49
C SER A 226 4.94 19.86 -0.26
N THR A 227 3.99 20.51 0.43
CA THR A 227 4.29 21.20 1.68
C THR A 227 4.09 20.33 2.92
N TYR A 228 3.52 19.14 2.76
CA TYR A 228 3.24 18.26 3.90
C TYR A 228 4.54 17.72 4.50
N GLU A 229 4.60 17.70 5.82
CA GLU A 229 5.76 17.23 6.56
C GLU A 229 5.33 16.09 7.45
N LEU A 230 6.19 15.10 7.59
CA LEU A 230 5.82 13.82 8.19
C LEU A 230 6.01 13.80 9.71
N GLN A 231 5.04 13.21 10.41
CA GLN A 231 5.14 12.98 11.85
C GLN A 231 6.21 11.93 12.14
N GLN A 232 6.70 11.93 13.38
CA GLN A 232 7.93 11.19 13.67
C GLN A 232 7.80 9.70 13.38
N ARG A 233 6.63 9.10 13.61
CA ARG A 233 6.51 7.65 13.39
C ARG A 233 6.52 7.31 11.90
N GLN A 234 5.96 8.18 11.06
CA GLN A 234 6.11 8.02 9.62
C GLN A 234 7.59 8.04 9.21
N LEU A 235 8.32 9.05 9.66
CA LEU A 235 9.77 9.09 9.42
C LEU A 235 10.48 7.83 9.92
N ASP A 236 9.99 7.22 11.00
CA ASP A 236 10.60 6.01 11.52
C ASP A 236 10.38 4.83 10.59
N LYS A 237 9.23 4.80 9.90
CA LYS A 237 8.95 3.70 8.97
C LYS A 237 9.93 3.64 7.79
N LEU A 238 10.69 4.71 7.53
CA LEU A 238 11.60 4.81 6.39
C LEU A 238 12.88 4.02 6.60
N TYR A 239 13.86 4.23 5.72
CA TYR A 239 15.09 3.46 5.62
C TYR A 239 16.30 4.22 6.15
N GLN A 240 17.25 3.47 6.70
CA GLN A 240 18.53 3.98 7.15
C GLN A 240 19.47 4.26 5.97
#